data_7FAT
#
_entry.id   7FAT
#
_cell.length_a   110.663
_cell.length_b   183.795
_cell.length_c   42.209
_cell.angle_alpha   90.000
_cell.angle_beta   90.000
_cell.angle_gamma   90.000
#
_symmetry.space_group_name_H-M   'C 2 2 2'
#
loop_
_entity.id
_entity.type
_entity.pdbx_description
1 polymer 'Spike protein S1'
2 polymer nb_1A7
3 branched 2-acetamido-2-deoxy-beta-D-glucopyranose-(1-4)-2-acetamido-2-deoxy-beta-D-glucopyranose
4 water water
#
loop_
_entity_poly.entity_id
_entity_poly.type
_entity_poly.pdbx_seq_one_letter_code
_entity_poly.pdbx_strand_id
1 'polypeptide(L)'
;MFVFLVLLPLVSSQCTNLCPFGEVFNATRFASVYAWNRKRISNCVADYSVLYNSASFSTFKCYGVSPTKLNDLCFTNVYA
DSFVIRGDEVRQIAPGQTGKIADYNYKLPDDFTGCVIAWNSNNLDSKVGGNYNYLYRLFRKSNLKPFERDISTEIYQAGS
TPCNGVEGFNCYFPLQSYGFQPTNGVGYQPYRVVVLSFELLHAPATSRAAADYKDDDDK
;
A
2 'polypeptide(L)'
;QVQLQESGGGSVQAGGSLRLSCAASGYTFSSYCLGWFRQAPGKEREGVAAIDSDGSTSYADSVKGRFTISRDNAKNTLYL
QMNSLKPEDTAMYYCAAEGGPSLSYCTGGYGFLLSGLMYNSWGQGTQVTVSSHHHHHH
;
B
#
# COMPACT_ATOMS: atom_id res chain seq x y z
N CYS A 15 23.07 -22.10 -10.11
CA CYS A 15 24.20 -21.20 -9.83
C CYS A 15 24.17 -20.85 -8.36
N THR A 16 25.25 -20.23 -7.86
CA THR A 16 25.31 -19.93 -6.43
C THR A 16 25.92 -18.55 -6.15
N ASN A 17 25.89 -17.67 -7.14
CA ASN A 17 26.39 -16.30 -7.02
C ASN A 17 25.26 -15.33 -6.66
N LEU A 18 25.49 -14.51 -5.64
CA LEU A 18 24.42 -13.71 -5.04
C LEU A 18 23.98 -12.58 -5.94
N CYS A 19 22.67 -12.39 -6.09
CA CYS A 19 22.18 -11.21 -6.77
C CYS A 19 22.55 -9.97 -5.96
N PRO A 20 22.98 -8.88 -6.62
CA PRO A 20 23.37 -7.65 -5.93
C PRO A 20 22.18 -6.74 -5.59
N PHE A 21 21.11 -7.35 -5.05
CA PHE A 21 19.95 -6.57 -4.64
C PHE A 21 20.30 -5.57 -3.56
N GLY A 22 21.34 -5.87 -2.78
CA GLY A 22 21.73 -4.95 -1.72
C GLY A 22 22.00 -3.55 -2.24
N GLU A 23 22.48 -3.46 -3.48
CA GLU A 23 22.73 -2.16 -4.12
C GLU A 23 21.42 -1.41 -4.41
N VAL A 24 20.35 -2.13 -4.73
CA VAL A 24 19.04 -1.50 -4.94
C VAL A 24 18.40 -1.17 -3.60
N PHE A 25 18.12 -2.19 -2.79
CA PHE A 25 17.36 -1.99 -1.55
C PHE A 25 18.08 -1.10 -0.56
N ASN A 26 19.41 -1.18 -0.50
CA ASN A 26 20.18 -0.45 0.52
C ASN A 26 20.96 0.72 -0.06
N ALA A 27 20.56 1.22 -1.22
CA ALA A 27 21.14 2.44 -1.76
C ALA A 27 21.04 3.57 -0.73
N THR A 28 22.12 4.35 -0.61
CA THR A 28 22.13 5.44 0.34
C THR A 28 21.02 6.45 0.08
N ARG A 29 20.81 6.83 -1.18
CA ARG A 29 19.71 7.69 -1.59
C ARG A 29 18.96 7.05 -2.75
N PHE A 30 17.64 7.28 -2.78
CA PHE A 30 16.77 6.74 -3.82
C PHE A 30 16.44 7.86 -4.80
N ALA A 31 16.00 7.48 -6.00
CA ALA A 31 15.53 8.41 -7.02
C ALA A 31 14.20 9.03 -6.65
N SER A 32 13.95 10.23 -7.16
CA SER A 32 12.59 10.75 -7.15
C SER A 32 11.72 9.86 -8.02
N VAL A 33 10.44 9.76 -7.68
CA VAL A 33 9.56 8.85 -8.41
C VAL A 33 9.40 9.28 -9.87
N TYR A 34 9.40 10.59 -10.15
CA TYR A 34 9.23 11.02 -11.54
C TYR A 34 10.45 10.67 -12.39
N ALA A 35 11.62 10.59 -11.76
CA ALA A 35 12.87 10.20 -12.39
C ALA A 35 13.34 8.84 -11.87
N TRP A 36 12.47 7.83 -11.92
CA TRP A 36 12.72 6.60 -11.19
C TRP A 36 13.91 5.83 -11.77
N ASN A 37 14.59 5.09 -10.92
CA ASN A 37 15.75 4.28 -11.31
C ASN A 37 15.33 2.90 -11.79
N ARG A 38 16.19 2.30 -12.63
CA ARG A 38 15.99 0.92 -13.06
C ARG A 38 17.34 0.24 -13.11
N LYS A 39 17.43 -0.92 -12.48
CA LYS A 39 18.63 -1.75 -12.50
C LYS A 39 18.21 -3.14 -12.99
N ARG A 40 18.99 -3.72 -13.89
CA ARG A 40 18.70 -5.08 -14.32
C ARG A 40 19.47 -6.04 -13.43
N ILE A 41 18.82 -7.14 -13.07
CA ILE A 41 19.37 -8.18 -12.21
C ILE A 41 19.23 -9.51 -12.94
N SER A 42 20.35 -10.23 -13.09
CA SER A 42 20.32 -11.41 -13.94
C SER A 42 21.31 -12.45 -13.45
N ASN A 43 20.97 -13.72 -13.72
CA ASN A 43 21.89 -14.86 -13.62
C ASN A 43 22.59 -14.87 -12.25
N CYS A 44 21.75 -15.08 -11.24
CA CYS A 44 22.18 -15.04 -9.84
C CYS A 44 21.07 -15.63 -8.99
N VAL A 45 21.33 -15.76 -7.70
CA VAL A 45 20.35 -16.30 -6.77
C VAL A 45 20.10 -15.29 -5.68
N ALA A 46 18.86 -15.31 -5.19
CA ALA A 46 18.42 -14.37 -4.18
C ALA A 46 17.47 -15.11 -3.24
N ASP A 47 17.00 -14.39 -2.23
CA ASP A 47 16.14 -14.95 -1.21
C ASP A 47 15.08 -13.90 -0.88
N TYR A 48 13.84 -14.12 -1.33
CA TYR A 48 12.81 -13.10 -1.12
C TYR A 48 12.67 -12.73 0.35
N SER A 49 12.98 -13.68 1.26
CA SER A 49 12.90 -13.40 2.67
C SER A 49 14.05 -12.53 3.14
N VAL A 50 15.08 -12.36 2.33
CA VAL A 50 16.09 -11.35 2.62
C VAL A 50 15.68 -9.99 2.08
N LEU A 51 15.06 -9.97 0.89
CA LEU A 51 14.59 -8.71 0.30
C LEU A 51 13.51 -8.07 1.14
N TYR A 52 12.61 -8.86 1.71
CA TYR A 52 11.53 -8.33 2.52
C TYR A 52 11.73 -8.76 3.97
N ASN A 53 11.81 -7.79 4.88
CA ASN A 53 12.12 -8.08 6.29
C ASN A 53 10.93 -7.88 7.21
N SER A 54 9.77 -7.54 6.64
CA SER A 54 8.53 -7.40 7.37
C SER A 54 8.62 -6.36 8.50
N ALA A 55 9.35 -5.27 8.26
CA ALA A 55 9.25 -4.11 9.15
C ALA A 55 7.80 -3.73 9.34
N SER A 56 7.49 -3.17 10.51
CA SER A 56 6.11 -2.85 10.86
C SER A 56 5.42 -2.03 9.76
N PHE A 57 6.05 -0.94 9.31
CA PHE A 57 5.44 -0.09 8.29
C PHE A 57 6.07 -0.38 6.94
N SER A 58 5.70 -1.55 6.42
CA SER A 58 6.22 -2.03 5.15
C SER A 58 5.15 -2.92 4.55
N THR A 59 5.33 -3.25 3.27
CA THR A 59 4.36 -4.06 2.55
C THR A 59 5.06 -4.79 1.41
N PHE A 60 4.52 -5.96 1.07
CA PHE A 60 5.07 -6.87 0.06
C PHE A 60 3.87 -7.48 -0.66
N LYS A 61 3.75 -7.22 -1.97
CA LYS A 61 2.68 -7.76 -2.80
C LYS A 61 3.26 -8.27 -4.10
N CYS A 62 2.69 -9.34 -4.64
CA CYS A 62 3.09 -9.88 -5.93
C CYS A 62 1.87 -10.02 -6.84
N TYR A 63 2.12 -9.99 -8.14
CA TYR A 63 1.05 -10.04 -9.13
C TYR A 63 1.42 -11.07 -10.17
N GLY A 64 0.57 -12.09 -10.36
CA GLY A 64 0.86 -13.14 -11.32
C GLY A 64 2.07 -13.98 -11.03
N VAL A 65 2.68 -13.86 -9.85
CA VAL A 65 3.86 -14.66 -9.48
C VAL A 65 3.84 -14.93 -7.98
N SER A 66 4.50 -16.03 -7.60
CA SER A 66 4.82 -16.26 -6.19
C SER A 66 6.12 -15.55 -5.83
N PRO A 67 6.25 -15.03 -4.61
CA PRO A 67 7.51 -14.40 -4.22
C PRO A 67 8.70 -15.33 -4.31
N THR A 68 8.47 -16.65 -4.21
CA THR A 68 9.60 -17.57 -4.33
C THR A 68 10.27 -17.46 -5.70
N LYS A 69 9.56 -16.96 -6.71
CA LYS A 69 10.15 -16.87 -8.04
C LYS A 69 11.28 -15.84 -8.09
N LEU A 70 11.41 -15.00 -7.06
CA LEU A 70 12.57 -14.13 -6.96
C LEU A 70 13.86 -14.88 -6.63
N ASN A 71 13.78 -16.13 -6.16
CA ASN A 71 14.96 -16.79 -5.61
C ASN A 71 15.92 -17.27 -6.70
N ASP A 72 15.40 -18.00 -7.68
CA ASP A 72 16.22 -18.62 -8.72
C ASP A 72 16.21 -17.71 -9.94
N LEU A 73 17.18 -16.80 -10.01
CA LEU A 73 17.35 -15.93 -11.17
C LEU A 73 18.52 -16.35 -12.04
N CYS A 74 18.92 -17.63 -11.97
CA CYS A 74 20.13 -18.07 -12.66
C CYS A 74 19.99 -17.94 -14.16
N PHE A 75 18.78 -18.14 -14.68
CA PHE A 75 18.48 -18.09 -16.11
C PHE A 75 17.33 -17.11 -16.39
N THR A 76 17.22 -16.04 -15.60
CA THR A 76 16.13 -15.07 -15.69
C THR A 76 16.67 -13.67 -15.47
N ASN A 77 15.97 -12.72 -16.09
CA ASN A 77 16.22 -11.28 -15.94
C ASN A 77 15.09 -10.66 -15.12
N VAL A 78 15.45 -9.89 -14.10
CA VAL A 78 14.51 -9.09 -13.33
C VAL A 78 14.91 -7.62 -13.46
N TYR A 79 13.91 -6.75 -13.61
CA TYR A 79 14.14 -5.32 -13.56
C TYR A 79 13.74 -4.78 -12.19
N ALA A 80 14.67 -4.13 -11.50
CA ALA A 80 14.43 -3.53 -10.19
C ALA A 80 14.30 -2.02 -10.34
N ASP A 81 13.08 -1.52 -10.31
CA ASP A 81 12.81 -0.09 -10.32
C ASP A 81 12.63 0.40 -8.88
N SER A 82 13.20 1.57 -8.57
CA SER A 82 13.20 2.05 -7.20
C SER A 82 13.10 3.58 -7.17
N PHE A 83 12.44 4.09 -6.12
CA PHE A 83 12.06 5.49 -6.00
C PHE A 83 11.37 5.67 -4.65
N VAL A 84 11.07 6.93 -4.32
CA VAL A 84 10.44 7.30 -3.06
C VAL A 84 9.13 8.03 -3.35
N ILE A 85 8.09 7.70 -2.59
CA ILE A 85 6.79 8.35 -2.64
C ILE A 85 6.35 8.58 -1.20
N ARG A 86 5.19 9.20 -1.02
CA ARG A 86 4.71 9.24 0.34
C ARG A 86 3.80 8.05 0.63
N GLY A 87 3.57 7.84 1.93
CA GLY A 87 2.91 6.63 2.38
C GLY A 87 1.53 6.47 1.78
N ASP A 88 0.76 7.56 1.65
CA ASP A 88 -0.59 7.27 1.19
C ASP A 88 -0.64 7.01 -0.33
N GLU A 89 0.48 7.05 -1.03
CA GLU A 89 0.56 6.71 -2.46
C GLU A 89 1.03 5.28 -2.74
N VAL A 90 1.42 4.51 -1.71
CA VAL A 90 1.95 3.18 -1.98
C VAL A 90 0.91 2.31 -2.70
N ARG A 91 -0.38 2.50 -2.39
CA ARG A 91 -1.43 1.75 -3.07
C ARG A 91 -1.43 1.96 -4.58
N GLN A 92 -0.90 3.09 -5.06
CA GLN A 92 -0.88 3.32 -6.49
C GLN A 92 0.18 2.49 -7.21
N ILE A 93 1.17 1.94 -6.49
CA ILE A 93 2.19 1.14 -7.14
C ILE A 93 1.64 -0.28 -7.32
N ALA A 94 0.70 -0.41 -8.23
CA ALA A 94 0.03 -1.68 -8.52
C ALA A 94 -0.63 -1.55 -9.89
N PRO A 95 -0.86 -2.66 -10.59
CA PRO A 95 -1.65 -2.60 -11.82
C PRO A 95 -3.05 -2.10 -11.54
N GLY A 96 -3.61 -1.35 -12.49
CA GLY A 96 -4.99 -0.91 -12.37
C GLY A 96 -5.24 0.31 -11.51
N GLN A 97 -4.22 1.05 -11.10
CA GLN A 97 -4.44 2.12 -10.14
C GLN A 97 -4.48 3.48 -10.83
N THR A 98 -5.14 4.43 -10.17
CA THR A 98 -5.28 5.82 -10.61
C THR A 98 -4.78 6.78 -9.52
N GLY A 99 -4.38 7.98 -9.94
CA GLY A 99 -3.87 8.99 -9.03
C GLY A 99 -2.62 9.62 -9.60
N LYS A 100 -2.04 10.59 -8.89
CA LYS A 100 -0.95 11.37 -9.47
C LYS A 100 0.25 10.49 -9.79
N ILE A 101 0.55 9.54 -8.89
CA ILE A 101 1.75 8.75 -9.12
C ILE A 101 1.54 7.81 -10.29
N ALA A 102 0.44 7.05 -10.28
CA ALA A 102 0.17 6.10 -11.36
C ALA A 102 -0.12 6.80 -12.68
N ASP A 103 -0.79 7.97 -12.63
CA ASP A 103 -1.08 8.71 -13.85
C ASP A 103 0.15 9.41 -14.41
N TYR A 104 0.95 10.05 -13.56
CA TYR A 104 1.96 10.97 -14.06
C TYR A 104 3.40 10.62 -13.73
N ASN A 105 3.67 9.53 -13.00
CA ASN A 105 5.04 9.36 -12.53
C ASN A 105 5.61 7.97 -12.79
N TYR A 106 4.84 6.93 -12.46
CA TYR A 106 5.29 5.55 -12.59
C TYR A 106 4.06 4.67 -12.75
N LYS A 107 3.94 4.02 -13.89
CA LYS A 107 2.74 3.33 -14.30
C LYS A 107 3.03 1.86 -14.57
N LEU A 108 2.25 0.96 -13.96
CA LEU A 108 2.50 -0.45 -14.22
C LEU A 108 1.48 -1.01 -15.22
N PRO A 109 1.86 -1.95 -16.08
CA PRO A 109 0.90 -2.48 -17.06
C PRO A 109 -0.17 -3.32 -16.39
N ASP A 110 -1.30 -3.43 -17.08
CA ASP A 110 -2.37 -4.29 -16.58
C ASP A 110 -1.88 -5.71 -16.39
N ASP A 111 -0.99 -6.18 -17.28
CA ASP A 111 -0.46 -7.52 -17.23
C ASP A 111 0.81 -7.63 -16.39
N PHE A 112 1.07 -6.65 -15.52
CA PHE A 112 2.27 -6.67 -14.67
C PHE A 112 2.44 -8.04 -14.03
N THR A 113 3.66 -8.56 -14.11
CA THR A 113 4.00 -9.85 -13.54
C THR A 113 5.25 -9.61 -12.67
N GLY A 114 5.07 -9.54 -11.37
CA GLY A 114 6.19 -9.18 -10.49
C GLY A 114 5.70 -8.83 -9.09
N CYS A 115 6.59 -8.15 -8.35
CA CYS A 115 6.32 -7.88 -6.93
C CYS A 115 6.66 -6.42 -6.62
N VAL A 116 6.03 -5.89 -5.56
CA VAL A 116 6.29 -4.53 -5.07
C VAL A 116 6.60 -4.62 -3.59
N ILE A 117 7.74 -4.05 -3.20
CA ILE A 117 8.15 -3.96 -1.80
C ILE A 117 8.28 -2.48 -1.45
N ALA A 118 7.59 -2.05 -0.41
CA ALA A 118 7.61 -0.65 0.00
C ALA A 118 7.75 -0.59 1.52
N TRP A 119 8.55 0.35 2.01
CA TRP A 119 8.75 0.45 3.46
C TRP A 119 9.01 1.89 3.86
N ASN A 120 8.57 2.22 5.06
CA ASN A 120 8.71 3.57 5.60
C ASN A 120 10.19 3.90 5.76
N SER A 121 10.57 5.06 5.23
CA SER A 121 11.98 5.51 5.31
C SER A 121 12.08 6.87 5.97
N ASN A 122 11.13 7.16 6.89
CA ASN A 122 11.15 8.42 7.61
C ASN A 122 12.51 8.69 8.26
N ASN A 123 13.20 7.62 8.67
CA ASN A 123 14.47 7.75 9.38
C ASN A 123 15.63 8.06 8.45
N LEU A 124 15.43 7.93 7.14
CA LEU A 124 16.47 8.21 6.15
C LEU A 124 16.17 9.41 5.27
N ASP A 125 14.91 9.67 4.98
CA ASP A 125 14.54 10.55 3.88
C ASP A 125 13.84 11.81 4.35
N SER A 126 13.54 11.94 5.64
CA SER A 126 13.06 13.19 6.21
C SER A 126 14.20 14.00 6.80
N LYS A 127 13.92 15.27 7.03
CA LYS A 127 14.94 16.17 7.52
C LYS A 127 14.20 17.30 8.21
N VAL A 128 14.71 17.70 9.38
CA VAL A 128 13.99 18.67 10.21
C VAL A 128 13.50 19.86 9.39
N GLY A 129 14.32 20.37 8.48
CA GLY A 129 13.73 21.50 7.75
C GLY A 129 12.92 21.15 6.51
N GLY A 130 12.81 19.87 6.15
CA GLY A 130 12.24 19.49 4.88
C GLY A 130 13.32 18.97 3.96
N ASN A 131 13.13 17.78 3.42
CA ASN A 131 14.00 17.25 2.38
C ASN A 131 13.39 17.57 1.01
N TYR A 132 14.03 18.47 0.26
CA TYR A 132 13.48 18.92 -1.03
C TYR A 132 14.05 18.14 -2.21
N ASN A 133 14.87 17.12 -1.95
CA ASN A 133 15.45 16.31 -3.02
C ASN A 133 14.49 15.30 -3.63
N TYR A 134 13.35 15.02 -3.00
CA TYR A 134 12.38 14.08 -3.54
C TYR A 134 11.20 14.85 -4.12
N LEU A 135 10.88 14.58 -5.39
CA LEU A 135 9.76 15.26 -6.02
C LEU A 135 8.84 14.27 -6.72
N TYR A 136 7.67 14.76 -7.12
CA TYR A 136 6.81 14.00 -8.02
C TYR A 136 6.19 14.98 -9.00
N ARG A 137 5.77 14.45 -10.16
CA ARG A 137 5.10 15.27 -11.16
C ARG A 137 3.64 15.40 -10.79
N LEU A 138 3.18 16.64 -10.65
CA LEU A 138 1.82 16.97 -10.26
C LEU A 138 0.88 17.16 -11.44
N PHE A 139 1.40 17.57 -12.60
CA PHE A 139 0.59 17.90 -13.79
C PHE A 139 1.20 17.27 -15.03
N ARG A 140 0.35 16.80 -15.95
CA ARG A 140 0.82 16.30 -17.24
C ARG A 140 -0.32 16.33 -18.24
N LYS A 141 -0.01 16.62 -19.51
CA LYS A 141 -1.07 16.72 -20.52
C LYS A 141 -1.80 15.40 -20.69
N SER A 142 -1.12 14.28 -20.48
CA SER A 142 -1.76 12.98 -20.54
C SER A 142 -1.03 11.99 -19.63
N ASN A 143 -1.68 10.83 -19.43
CA ASN A 143 -1.17 9.76 -18.57
C ASN A 143 0.00 9.04 -19.19
N LEU A 144 0.96 8.68 -18.35
CA LEU A 144 2.06 7.83 -18.79
C LEU A 144 1.54 6.49 -19.32
N LYS A 145 2.29 5.95 -20.26
CA LYS A 145 2.14 4.55 -20.61
C LYS A 145 2.89 3.69 -19.61
N PRO A 146 2.59 2.39 -19.55
CA PRO A 146 3.32 1.51 -18.61
C PRO A 146 4.81 1.62 -18.80
N PHE A 147 5.51 1.85 -17.70
CA PHE A 147 6.96 1.88 -17.64
C PHE A 147 7.53 3.07 -18.41
N GLU A 148 6.69 4.03 -18.81
CA GLU A 148 7.22 5.26 -19.38
C GLU A 148 7.88 6.10 -18.27
N ARG A 149 8.79 6.99 -18.69
CA ARG A 149 9.55 7.81 -17.76
C ARG A 149 9.74 9.20 -18.38
N ASP A 150 9.33 10.23 -17.64
CA ASP A 150 9.31 11.62 -18.12
C ASP A 150 10.06 12.49 -17.12
N ILE A 151 11.16 13.10 -17.56
CA ILE A 151 11.92 13.94 -16.65
C ILE A 151 11.97 15.40 -17.13
N SER A 152 11.04 15.76 -18.02
CA SER A 152 10.95 17.13 -18.52
C SER A 152 10.38 18.04 -17.43
N THR A 153 10.70 19.33 -17.52
CA THR A 153 10.30 20.32 -16.51
C THR A 153 9.78 21.57 -17.20
N GLU A 154 8.93 21.36 -18.20
CA GLU A 154 8.31 22.43 -18.95
C GLU A 154 7.11 22.93 -18.16
N ILE A 155 6.92 24.25 -18.16
CA ILE A 155 5.77 24.85 -17.52
C ILE A 155 4.50 24.26 -18.08
N TYR A 156 3.60 23.83 -17.21
CA TYR A 156 2.37 23.18 -17.62
C TYR A 156 1.29 24.21 -17.87
N GLN A 157 0.61 24.12 -19.02
CA GLN A 157 -0.37 25.12 -19.43
C GLN A 157 -1.73 24.65 -18.96
N ALA A 158 -2.19 25.20 -17.84
CA ALA A 158 -3.44 24.73 -17.28
C ALA A 158 -4.64 25.49 -17.79
N GLY A 159 -4.43 26.66 -18.37
CA GLY A 159 -5.54 27.40 -18.94
C GLY A 159 -5.48 27.46 -20.45
N SER A 160 -6.03 28.55 -20.99
CA SER A 160 -6.06 28.76 -22.42
C SER A 160 -4.93 29.66 -22.90
N THR A 161 -4.38 30.50 -22.01
CA THR A 161 -3.27 31.37 -22.40
C THR A 161 -1.98 30.57 -22.46
N PRO A 162 -1.20 30.66 -23.53
CA PRO A 162 0.04 29.88 -23.61
C PRO A 162 1.06 30.41 -22.62
N CYS A 163 1.74 29.49 -21.95
CA CYS A 163 2.87 29.87 -21.13
C CYS A 163 4.08 29.91 -22.02
N ASN A 164 4.96 30.85 -21.77
CA ASN A 164 6.14 30.84 -22.61
C ASN A 164 7.30 30.57 -21.70
N GLY A 165 7.30 29.38 -21.08
CA GLY A 165 8.32 29.01 -20.12
C GLY A 165 8.34 29.82 -18.85
N VAL A 166 7.27 30.57 -18.57
CA VAL A 166 7.20 31.49 -17.43
C VAL A 166 6.11 31.00 -16.48
N GLU A 167 6.48 30.75 -15.22
CA GLU A 167 5.45 30.39 -14.27
C GLU A 167 4.52 31.57 -14.00
N GLY A 168 3.24 31.26 -13.89
CA GLY A 168 2.28 32.33 -13.70
C GLY A 168 0.90 31.76 -13.51
N PHE A 169 -0.08 32.65 -13.51
CA PHE A 169 -1.46 32.23 -13.43
C PHE A 169 -1.73 31.16 -14.48
N ASN A 170 -2.28 30.03 -14.03
CA ASN A 170 -2.61 28.88 -14.88
C ASN A 170 -1.41 28.34 -15.66
N CYS A 171 -0.19 28.58 -15.17
CA CYS A 171 1.06 28.21 -15.84
C CYS A 171 2.00 27.66 -14.76
N TYR A 172 2.01 26.33 -14.59
CA TYR A 172 2.59 25.71 -13.38
C TYR A 172 3.87 24.94 -13.67
N PHE A 173 4.90 25.20 -12.90
CA PHE A 173 6.05 24.30 -12.88
C PHE A 173 5.57 22.91 -12.48
N PRO A 174 5.88 21.87 -13.25
CA PRO A 174 5.12 20.62 -13.15
C PRO A 174 5.50 19.70 -11.98
N LEU A 175 6.64 19.90 -11.32
CA LEU A 175 7.06 19.02 -10.23
C LEU A 175 6.79 19.66 -8.87
N GLN A 176 6.27 18.85 -7.95
CA GLN A 176 6.03 19.20 -6.56
C GLN A 176 7.03 18.45 -5.71
N SER A 177 7.74 19.15 -4.84
CA SER A 177 8.63 18.54 -3.87
C SER A 177 7.84 18.00 -2.68
N TYR A 178 8.22 16.80 -2.23
CA TYR A 178 7.57 16.23 -1.04
C TYR A 178 7.90 17.02 0.23
N GLY A 179 9.14 17.50 0.35
CA GLY A 179 9.52 18.28 1.52
C GLY A 179 9.46 17.49 2.81
N PHE A 180 9.80 16.20 2.76
CA PHE A 180 9.60 15.29 3.89
C PHE A 180 10.23 15.81 5.18
N GLN A 181 9.43 15.91 6.24
CA GLN A 181 9.83 16.26 7.59
C GLN A 181 9.49 15.13 8.56
N PRO A 182 10.35 14.83 9.54
CA PRO A 182 10.12 13.61 10.34
C PRO A 182 8.84 13.65 11.15
N THR A 183 8.30 14.84 11.40
CA THR A 183 7.04 15.03 12.09
C THR A 183 5.81 14.82 11.19
N ASN A 184 5.96 14.55 9.89
CA ASN A 184 4.78 14.35 9.03
C ASN A 184 3.87 13.20 9.55
N GLY A 185 2.58 13.31 9.27
CA GLY A 185 1.66 12.23 9.59
C GLY A 185 1.95 10.95 8.81
N VAL A 186 1.23 9.88 9.21
CA VAL A 186 1.56 8.52 8.76
C VAL A 186 1.50 8.42 7.24
N GLY A 187 0.48 9.03 6.63
CA GLY A 187 0.33 9.00 5.19
C GLY A 187 1.25 9.89 4.43
N TYR A 188 1.93 10.82 5.11
CA TYR A 188 2.79 11.79 4.45
C TYR A 188 4.27 11.51 4.65
N GLN A 189 4.61 10.47 5.38
CA GLN A 189 6.01 10.12 5.52
C GLN A 189 6.53 9.40 4.28
N PRO A 190 7.83 9.43 4.05
CA PRO A 190 8.38 8.81 2.84
C PRO A 190 8.46 7.31 2.94
N TYR A 191 8.30 6.67 1.79
CA TYR A 191 8.43 5.24 1.67
C TYR A 191 9.38 4.97 0.50
N ARG A 192 10.37 4.12 0.74
CA ARG A 192 11.14 3.60 -0.38
C ARG A 192 10.39 2.44 -1.01
N VAL A 193 10.54 2.30 -2.32
CA VAL A 193 9.79 1.32 -3.12
C VAL A 193 10.76 0.62 -4.06
N VAL A 194 10.65 -0.70 -4.12
CA VAL A 194 11.35 -1.49 -5.13
C VAL A 194 10.30 -2.30 -5.89
N VAL A 195 10.26 -2.13 -7.20
CA VAL A 195 9.34 -2.86 -8.09
C VAL A 195 10.15 -3.90 -8.83
N LEU A 196 9.81 -5.19 -8.64
CA LEU A 196 10.54 -6.30 -9.26
C LEU A 196 9.67 -6.91 -10.36
N SER A 197 10.09 -6.76 -11.61
CA SER A 197 9.29 -7.20 -12.75
C SER A 197 10.05 -8.23 -13.56
N PHE A 198 9.30 -9.17 -14.12
CA PHE A 198 9.83 -10.20 -15.00
C PHE A 198 9.37 -9.89 -16.41
N GLN B 1 -10.33 -2.35 -7.41
CA GLN B 1 -11.59 -2.15 -6.69
C GLN B 1 -12.24 -3.49 -6.35
N VAL B 2 -12.61 -3.61 -5.09
CA VAL B 2 -13.29 -4.78 -4.55
C VAL B 2 -14.58 -4.30 -3.92
N GLN B 3 -15.68 -4.94 -4.27
CA GLN B 3 -16.95 -4.67 -3.58
C GLN B 3 -16.94 -5.40 -2.25
N LEU B 4 -17.31 -4.70 -1.19
CA LEU B 4 -17.38 -5.26 0.15
C LEU B 4 -18.78 -5.02 0.68
N GLN B 5 -19.49 -6.09 1.01
CA GLN B 5 -20.80 -5.99 1.59
C GLN B 5 -20.74 -6.56 3.01
N GLU B 6 -21.11 -5.76 3.98
CA GLU B 6 -20.79 -5.99 5.38
C GLU B 6 -22.07 -6.11 6.21
N SER B 7 -22.02 -6.92 7.26
CA SER B 7 -23.24 -7.20 8.02
C SER B 7 -22.92 -7.77 9.40
N GLY B 8 -23.92 -7.70 10.28
CA GLY B 8 -23.86 -8.34 11.59
C GLY B 8 -23.80 -7.40 12.78
N GLY B 9 -23.70 -6.09 12.60
CA GLY B 9 -23.62 -5.23 13.77
C GLY B 9 -24.86 -5.31 14.67
N GLY B 10 -24.89 -4.54 15.75
CA GLY B 10 -26.08 -4.54 16.56
C GLY B 10 -25.79 -4.00 17.95
N SER B 11 -26.74 -4.26 18.82
CA SER B 11 -26.65 -3.88 20.22
C SER B 11 -26.50 -5.15 21.05
N VAL B 12 -25.70 -5.05 22.12
CA VAL B 12 -25.51 -6.15 23.03
C VAL B 12 -25.06 -5.55 24.35
N GLN B 13 -25.30 -6.28 25.45
CA GLN B 13 -24.89 -5.85 26.77
C GLN B 13 -23.42 -6.14 26.98
N ALA B 14 -22.81 -5.39 27.88
CA ALA B 14 -21.40 -5.55 28.17
C ALA B 14 -21.09 -6.99 28.54
N GLY B 15 -19.93 -7.49 28.08
CA GLY B 15 -19.57 -8.87 28.25
C GLY B 15 -20.19 -9.82 27.26
N GLY B 16 -21.11 -9.35 26.42
CA GLY B 16 -21.70 -10.18 25.40
C GLY B 16 -20.81 -10.28 24.17
N SER B 17 -21.35 -11.00 23.18
CA SER B 17 -20.65 -11.32 21.95
C SER B 17 -21.46 -10.84 20.74
N LEU B 18 -20.76 -10.67 19.62
CA LEU B 18 -21.32 -10.19 18.37
C LEU B 18 -20.35 -10.57 17.25
N ARG B 19 -20.88 -10.87 16.06
CA ARG B 19 -20.04 -11.32 14.95
C ARG B 19 -20.33 -10.50 13.71
N LEU B 20 -19.27 -9.89 13.16
CA LEU B 20 -19.39 -9.16 11.91
C LEU B 20 -18.96 -10.07 10.76
N SER B 21 -19.56 -9.87 9.59
CA SER B 21 -19.08 -10.58 8.42
C SER B 21 -19.02 -9.60 7.25
N CYS B 22 -18.27 -9.99 6.24
CA CYS B 22 -18.07 -9.10 5.10
C CYS B 22 -17.91 -9.95 3.87
N ALA B 23 -18.76 -9.71 2.86
CA ALA B 23 -18.71 -10.47 1.62
C ALA B 23 -17.94 -9.64 0.61
N ALA B 24 -16.99 -10.26 -0.08
CA ALA B 24 -16.10 -9.56 -0.99
C ALA B 24 -16.24 -10.11 -2.40
N SER B 25 -16.07 -9.22 -3.38
CA SER B 25 -16.07 -9.64 -4.78
C SER B 25 -14.70 -10.12 -5.23
N GLY B 26 -14.65 -10.75 -6.40
CA GLY B 26 -13.42 -11.10 -7.07
C GLY B 26 -13.14 -12.59 -7.07
N TYR B 27 -12.18 -12.97 -7.91
CA TYR B 27 -11.77 -14.36 -8.10
C TYR B 27 -10.44 -14.69 -7.45
N THR B 28 -9.76 -13.70 -6.86
CA THR B 28 -8.46 -13.87 -6.25
C THR B 28 -8.51 -13.66 -4.73
N PHE B 29 -9.69 -13.93 -4.14
CA PHE B 29 -9.94 -13.56 -2.74
C PHE B 29 -8.88 -14.13 -1.82
N SER B 30 -8.38 -15.33 -2.10
CA SER B 30 -7.46 -15.95 -1.16
C SER B 30 -6.13 -15.21 -1.11
N SER B 31 -5.83 -14.42 -2.14
CA SER B 31 -4.66 -13.57 -2.19
C SER B 31 -4.88 -12.23 -1.50
N TYR B 32 -6.10 -11.88 -1.11
CA TYR B 32 -6.36 -10.56 -0.56
C TYR B 32 -5.75 -10.44 0.84
N CYS B 33 -5.33 -9.23 1.17
CA CYS B 33 -5.14 -8.85 2.56
C CYS B 33 -6.41 -8.15 3.03
N LEU B 34 -6.85 -8.48 4.24
CA LEU B 34 -8.13 -8.03 4.76
C LEU B 34 -7.98 -7.45 6.16
N GLY B 35 -8.76 -6.40 6.46
CA GLY B 35 -8.72 -5.83 7.79
C GLY B 35 -10.04 -5.31 8.29
N TRP B 36 -10.10 -5.11 9.61
CA TRP B 36 -11.24 -4.48 10.26
C TRP B 36 -10.74 -3.22 10.96
N PHE B 37 -11.50 -2.14 10.79
CA PHE B 37 -11.25 -0.83 11.37
C PHE B 37 -12.48 -0.41 12.13
N ARG B 38 -12.33 0.54 13.04
CA ARG B 38 -13.54 1.08 13.65
C ARG B 38 -13.33 2.56 13.94
N GLN B 39 -14.45 3.26 14.02
CA GLN B 39 -14.44 4.69 14.28
C GLN B 39 -15.66 5.04 15.11
N ALA B 40 -15.42 5.49 16.33
CA ALA B 40 -16.42 6.01 17.23
C ALA B 40 -16.62 7.50 16.95
N PRO B 41 -17.73 8.08 17.38
CA PRO B 41 -17.98 9.48 17.02
C PRO B 41 -16.97 10.42 17.71
N GLY B 42 -16.48 11.38 16.93
CA GLY B 42 -15.55 12.36 17.47
C GLY B 42 -14.24 11.79 17.92
N LYS B 43 -13.68 10.85 17.18
CA LYS B 43 -12.38 10.27 17.43
C LYS B 43 -12.02 9.52 16.15
N GLU B 44 -10.74 9.37 15.88
CA GLU B 44 -10.44 9.05 14.51
C GLU B 44 -10.45 7.51 14.33
N ARG B 45 -10.53 7.07 13.08
CA ARG B 45 -10.60 5.64 12.76
C ARG B 45 -9.35 4.89 13.23
N GLU B 46 -9.54 3.64 13.64
CA GLU B 46 -8.51 2.83 14.29
C GLU B 46 -8.52 1.42 13.71
N GLY B 47 -7.34 0.91 13.35
CA GLY B 47 -7.22 -0.47 12.92
C GLY B 47 -7.45 -1.43 14.10
N VAL B 48 -8.25 -2.46 13.88
CA VAL B 48 -8.67 -3.39 14.91
C VAL B 48 -8.00 -4.76 14.72
N ALA B 49 -8.01 -5.27 13.47
CA ALA B 49 -7.49 -6.61 13.20
C ALA B 49 -7.20 -6.72 11.71
N ALA B 50 -6.25 -7.59 11.36
CA ALA B 50 -5.85 -7.78 9.98
C ALA B 50 -5.44 -9.23 9.78
N ILE B 51 -5.60 -9.70 8.54
CA ILE B 51 -5.14 -11.03 8.17
C ILE B 51 -4.60 -10.98 6.74
N ASP B 52 -3.37 -11.48 6.54
CA ASP B 52 -2.75 -11.36 5.22
C ASP B 52 -3.04 -12.62 4.41
N SER B 53 -2.49 -12.66 3.21
CA SER B 53 -2.82 -13.76 2.31
C SER B 53 -2.30 -15.09 2.86
N ASP B 54 -1.18 -15.06 3.63
CA ASP B 54 -0.70 -16.31 4.25
C ASP B 54 -1.54 -16.75 5.43
N GLY B 55 -2.42 -15.89 5.94
CA GLY B 55 -3.20 -16.21 7.12
C GLY B 55 -2.63 -15.74 8.44
N SER B 56 -1.53 -14.99 8.44
CA SER B 56 -1.05 -14.38 9.67
C SER B 56 -1.99 -13.26 10.10
N THR B 57 -2.30 -13.21 11.39
CA THR B 57 -3.22 -12.22 11.91
C THR B 57 -2.53 -11.23 12.84
N SER B 58 -3.09 -10.01 12.90
CA SER B 58 -2.60 -8.91 13.71
C SER B 58 -3.77 -8.25 14.41
N TYR B 59 -3.56 -7.81 15.65
CA TYR B 59 -4.64 -7.22 16.42
C TYR B 59 -4.16 -5.96 17.10
N ALA B 60 -5.04 -4.98 17.19
CA ALA B 60 -4.79 -3.86 18.08
C ALA B 60 -4.74 -4.38 19.50
N ASP B 61 -3.83 -3.82 20.30
CA ASP B 61 -3.65 -4.24 21.68
C ASP B 61 -4.95 -4.23 22.46
N SER B 62 -5.84 -3.28 22.16
CA SER B 62 -7.05 -3.15 22.97
C SER B 62 -8.07 -4.27 22.72
N VAL B 63 -7.91 -5.07 21.67
CA VAL B 63 -8.84 -6.17 21.39
C VAL B 63 -8.17 -7.53 21.49
N LYS B 64 -6.87 -7.61 21.72
CA LYS B 64 -6.19 -8.89 21.85
C LYS B 64 -6.82 -9.75 22.95
N GLY B 65 -7.16 -11.00 22.62
CA GLY B 65 -7.78 -11.90 23.58
C GLY B 65 -9.29 -11.90 23.57
N ARG B 66 -9.93 -10.95 22.86
CA ARG B 66 -11.38 -10.82 22.78
C ARG B 66 -11.93 -10.93 21.37
N PHE B 67 -11.23 -10.41 20.37
CA PHE B 67 -11.68 -10.40 18.99
C PHE B 67 -10.87 -11.41 18.19
N THR B 68 -11.50 -12.02 17.20
CA THR B 68 -10.80 -12.92 16.28
C THR B 68 -11.17 -12.56 14.86
N ILE B 69 -10.19 -12.30 14.05
CA ILE B 69 -10.41 -12.15 12.62
C ILE B 69 -10.16 -13.51 11.99
N SER B 70 -10.97 -13.83 11.00
CA SER B 70 -10.82 -15.08 10.26
C SER B 70 -11.41 -14.87 8.87
N ARG B 71 -11.08 -15.78 7.97
CA ARG B 71 -11.54 -15.71 6.59
C ARG B 71 -11.93 -17.10 6.11
N ASP B 72 -12.91 -17.13 5.21
CA ASP B 72 -13.36 -18.35 4.54
C ASP B 72 -13.11 -18.14 3.05
N ASN B 73 -11.99 -18.65 2.55
CA ASN B 73 -11.62 -18.37 1.17
C ASN B 73 -12.62 -18.99 0.19
N ALA B 74 -13.25 -20.10 0.56
CA ALA B 74 -14.21 -20.75 -0.32
C ALA B 74 -15.49 -19.96 -0.47
N LYS B 75 -15.72 -18.95 0.37
CA LYS B 75 -16.95 -18.17 0.31
C LYS B 75 -16.68 -16.67 0.17
N ASN B 76 -15.43 -16.27 -0.09
CA ASN B 76 -15.10 -14.85 -0.20
C ASN B 76 -15.57 -14.04 1.00
N THR B 77 -15.57 -14.64 2.18
CA THR B 77 -16.12 -13.98 3.35
C THR B 77 -15.05 -13.78 4.42
N LEU B 78 -15.11 -12.62 5.05
CA LEU B 78 -14.26 -12.20 6.16
C LEU B 78 -15.11 -12.05 7.42
N TYR B 79 -14.62 -12.53 8.56
CA TYR B 79 -15.35 -12.41 9.82
C TYR B 79 -14.53 -11.65 10.86
N LEU B 80 -15.25 -11.00 11.77
CA LEU B 80 -14.69 -10.52 13.02
C LEU B 80 -15.62 -11.03 14.10
N GLN B 81 -15.12 -11.97 14.92
CA GLN B 81 -15.82 -12.42 16.12
C GLN B 81 -15.43 -11.54 17.30
N MET B 82 -16.43 -10.96 18.00
CA MET B 82 -16.19 -10.02 19.08
C MET B 82 -16.81 -10.57 20.37
N ASN B 83 -15.98 -10.93 21.34
CA ASN B 83 -16.41 -11.43 22.65
C ASN B 83 -16.05 -10.43 23.75
N SER B 84 -16.62 -10.66 24.93
CA SER B 84 -16.35 -9.84 26.09
C SER B 84 -16.42 -8.35 25.73
N LEU B 85 -17.47 -7.97 24.99
CA LEU B 85 -17.54 -6.60 24.49
C LEU B 85 -17.66 -5.61 25.64
N LYS B 86 -16.99 -4.45 25.47
CA LYS B 86 -16.94 -3.37 26.45
C LYS B 86 -17.63 -2.13 25.88
N PRO B 87 -18.12 -1.22 26.71
CA PRO B 87 -18.74 0.00 26.17
C PRO B 87 -17.83 0.76 25.22
N GLU B 88 -16.54 0.80 25.50
CA GLU B 88 -15.62 1.48 24.60
C GLU B 88 -15.31 0.68 23.33
N ASP B 89 -15.95 -0.47 23.10
CA ASP B 89 -15.94 -1.06 21.77
C ASP B 89 -17.03 -0.48 20.87
N THR B 90 -17.86 0.41 21.41
CA THR B 90 -18.95 1.00 20.64
C THR B 90 -18.36 1.83 19.51
N ALA B 91 -18.75 1.51 18.28
CA ALA B 91 -18.20 2.21 17.12
C ALA B 91 -18.89 1.75 15.85
N MET B 92 -18.64 2.49 14.79
CA MET B 92 -18.93 2.03 13.43
C MET B 92 -17.71 1.24 12.95
N TYR B 93 -17.93 0.00 12.51
CA TYR B 93 -16.86 -0.90 12.11
C TYR B 93 -16.86 -1.05 10.59
N TYR B 94 -15.66 -1.11 10.00
CA TYR B 94 -15.50 -1.21 8.56
C TYR B 94 -14.58 -2.37 8.23
N CYS B 95 -14.96 -3.18 7.23
CA CYS B 95 -14.00 -4.07 6.57
C CYS B 95 -13.25 -3.31 5.49
N ALA B 96 -12.00 -3.65 5.32
CA ALA B 96 -11.16 -3.07 4.29
C ALA B 96 -10.47 -4.20 3.58
N ALA B 97 -10.06 -3.96 2.36
CA ALA B 97 -9.45 -5.04 1.61
C ALA B 97 -8.49 -4.48 0.58
N GLU B 98 -7.47 -5.26 0.29
CA GLU B 98 -6.52 -4.99 -0.78
C GLU B 98 -6.60 -6.19 -1.71
N GLY B 99 -7.11 -5.97 -2.92
CA GLY B 99 -7.41 -7.02 -3.87
C GLY B 99 -6.79 -6.75 -5.23
N GLY B 100 -7.51 -7.13 -6.28
CA GLY B 100 -7.01 -6.96 -7.61
C GLY B 100 -7.00 -8.28 -8.35
N PRO B 101 -7.32 -8.25 -9.65
CA PRO B 101 -7.60 -9.49 -10.38
C PRO B 101 -6.36 -10.32 -10.68
N SER B 102 -5.17 -9.74 -10.63
CA SER B 102 -3.92 -10.49 -10.74
C SER B 102 -3.16 -10.59 -9.40
N LEU B 103 -3.75 -10.14 -8.29
CA LEU B 103 -3.04 -10.20 -7.02
C LEU B 103 -2.82 -11.65 -6.61
N SER B 104 -1.57 -12.00 -6.34
CA SER B 104 -1.20 -13.37 -6.04
C SER B 104 -0.51 -13.54 -4.68
N TYR B 105 -0.08 -12.46 -4.04
CA TYR B 105 0.47 -12.54 -2.70
C TYR B 105 0.35 -11.16 -2.10
N CYS B 106 0.04 -11.08 -0.80
CA CYS B 106 -0.21 -9.77 -0.19
C CYS B 106 0.05 -9.80 1.31
N THR B 107 0.99 -8.98 1.77
CA THR B 107 1.26 -8.89 3.19
C THR B 107 1.90 -7.55 3.50
N GLY B 108 2.07 -7.32 4.79
CA GLY B 108 2.82 -6.17 5.28
C GLY B 108 3.05 -6.32 6.76
N GLY B 109 3.77 -5.35 7.31
CA GLY B 109 4.06 -5.35 8.73
C GLY B 109 2.84 -4.97 9.57
N TYR B 110 3.02 -5.16 10.88
CA TYR B 110 1.96 -4.92 11.87
C TYR B 110 1.34 -3.54 11.72
N GLY B 111 2.17 -2.49 11.74
CA GLY B 111 1.63 -1.13 11.72
C GLY B 111 0.96 -0.82 10.39
N PHE B 112 1.56 -1.29 9.30
CA PHE B 112 1.01 -1.01 7.97
C PHE B 112 -0.37 -1.66 7.80
N LEU B 113 -0.52 -2.93 8.22
CA LEU B 113 -1.78 -3.63 8.00
C LEU B 113 -2.89 -3.08 8.86
N LEU B 114 -2.55 -2.47 10.00
CA LEU B 114 -3.56 -1.89 10.86
C LEU B 114 -3.75 -0.40 10.58
N SER B 115 -3.13 0.12 9.52
CA SER B 115 -3.38 1.46 9.02
C SER B 115 -4.22 1.41 7.74
N GLY B 116 -4.71 2.58 7.34
CA GLY B 116 -5.43 2.63 6.07
C GLY B 116 -4.54 2.57 4.85
N LEU B 117 -3.22 2.65 5.04
CA LEU B 117 -2.30 2.70 3.92
C LEU B 117 -2.29 1.41 3.12
N MET B 118 -2.71 0.31 3.71
CA MET B 118 -2.66 -0.95 2.99
C MET B 118 -3.80 -1.09 1.99
N TYR B 119 -4.98 -0.55 2.29
CA TYR B 119 -6.20 -0.96 1.64
C TYR B 119 -6.74 0.10 0.70
N ASN B 120 -7.18 -0.34 -0.49
CA ASN B 120 -7.82 0.52 -1.47
C ASN B 120 -9.33 0.35 -1.58
N SER B 121 -9.94 -0.55 -0.80
CA SER B 121 -11.37 -0.81 -0.86
C SER B 121 -11.94 -0.89 0.55
N TRP B 122 -13.08 -0.24 0.75
CA TRP B 122 -13.69 -0.16 2.08
C TRP B 122 -15.16 -0.53 2.00
N GLY B 123 -15.61 -1.24 3.03
CA GLY B 123 -17.03 -1.53 3.16
C GLY B 123 -17.79 -0.34 3.71
N GLN B 124 -19.10 -0.50 3.76
CA GLN B 124 -20.01 0.60 4.00
C GLN B 124 -20.26 0.82 5.48
N GLY B 125 -19.80 -0.08 6.34
CA GLY B 125 -19.84 0.22 7.76
C GLY B 125 -21.08 -0.30 8.46
N THR B 126 -20.88 -0.89 9.64
CA THR B 126 -21.98 -1.40 10.43
C THR B 126 -21.77 -0.95 11.88
N GLN B 127 -22.87 -0.74 12.59
CA GLN B 127 -22.80 -0.16 13.93
C GLN B 127 -22.81 -1.28 14.96
N VAL B 128 -21.95 -1.13 15.96
CA VAL B 128 -21.87 -2.01 17.12
C VAL B 128 -22.02 -1.11 18.34
N THR B 129 -23.01 -1.40 19.19
CA THR B 129 -23.29 -0.59 20.37
C THR B 129 -23.35 -1.47 21.63
N VAL B 130 -22.48 -1.18 22.59
CA VAL B 130 -22.35 -2.01 23.77
C VAL B 130 -22.92 -1.25 24.95
N SER B 131 -24.03 -1.73 25.47
CA SER B 131 -24.70 -1.06 26.57
C SER B 131 -24.11 -1.56 27.88
N SER B 132 -23.92 -0.65 28.82
CA SER B 132 -23.48 -1.01 30.16
C SER B 132 -24.60 -1.67 30.95
#